data_3M9O
#
_entry.id   3M9O
#
_cell.length_a   99.238
_cell.length_b   103.683
_cell.length_c   51.968
_cell.angle_alpha   90.00
_cell.angle_beta   90.00
_cell.angle_gamma   90.00
#
_symmetry.space_group_name_H-M   'P 21 21 2'
#
loop_
_entity.id
_entity.type
_entity.pdbx_description
1 polymer 'DNA polymerase IV'
2 polymer "DNA (5'-D(*GP*GP*GP*AP*AP*GP*GP*AP*AP*AP*GP*CP*C)-3')"
3 polymer "DNA (5'-D(*TP*CP*TP*GP*GP*CP*TP*TP*TP*CP*CP*TP*TP*CP*CP*CP*CP*C)-3')"
4 non-polymer 'CALCIUM ION'
5 non-polymer "ADENOSINE-5'-TRIPHOSPHATE"
6 non-polymer Cisplatin
7 water water
#
loop_
_entity_poly.entity_id
_entity_poly.type
_entity_poly.pdbx_seq_one_letter_code
_entity_poly.pdbx_strand_id
1 'polypeptide(L)'
;MIVLFVDFDYFYAQVEEVLNPSLKGKPVVVCVFSGRFEDSGAVATANYEARKFGVKAGIPIVEAKKILPNAVYLPMRKEV
YQQVSSRIMNLLREYSEKIEIASIDEAYLDISDKVRDYREAYNLGLEIKNKILEKEKITVTVGISKNKVFAKIAADMAKP
NGIKVIDDEEVKRLIRELDIADVPGIGNITAEKLKKLGINKLVDTLSIEFDKLKGMIGEAKAKYLISLARDEYNEPIRTR
VRKSIGRIVTMKRNSRNLEEIKPYLFRAIEESYYKLDKRIPKAIHVVAVTEDLDIVSRGRTFPHGISKETAYSESVKLLQ
KILEEDERKIRRIGVRFSKFIEAIGLDKFFDT
;
B
2 'polydeoxyribonucleotide' (DG)(DG)(DG)(DA)(DA)(DG)(DG)(DA)(DA)(DA)(DG)(DC)(DC) P
3 'polydeoxyribonucleotide' (DT)(DC)(DT)(DG)(DG)(DC)(DT)(DT)(DT)(DC)(DC)(DT)(DT)(DC)(DC)(DC)(DC)(DC) T
#
loop_
_chem_comp.id
_chem_comp.type
_chem_comp.name
_chem_comp.formula
ATP non-polymer ADENOSINE-5'-TRIPHOSPHATE 'C10 H16 N5 O13 P3'
CA non-polymer 'CALCIUM ION' 'Ca 2'
CPT non-polymer Cisplatin 'Cl2 H6 N2 Pt'
DA DNA linking 2'-DEOXYADENOSINE-5'-MONOPHOSPHATE 'C10 H14 N5 O6 P'
DC DNA linking 2'-DEOXYCYTIDINE-5'-MONOPHOSPHATE 'C9 H14 N3 O7 P'
DG DNA linking 2'-DEOXYGUANOSINE-5'-MONOPHOSPHATE 'C10 H14 N5 O7 P'
DT DNA linking THYMIDINE-5'-MONOPHOSPHATE 'C10 H15 N2 O8 P'
#
# COMPACT_ATOMS: atom_id res chain seq x y z
N MET A 1 24.42 -8.08 -3.50
CA MET A 1 23.44 -7.68 -2.44
C MET A 1 22.46 -8.79 -2.19
N ILE A 2 22.11 -8.98 -0.92
CA ILE A 2 21.10 -9.98 -0.54
C ILE A 2 20.00 -9.20 0.19
N VAL A 3 18.81 -9.19 -0.39
CA VAL A 3 17.69 -8.50 0.21
C VAL A 3 16.72 -9.51 0.81
N LEU A 4 16.25 -9.22 2.02
CA LEU A 4 15.26 -10.05 2.72
C LEU A 4 14.04 -9.17 2.92
N PHE A 5 12.93 -9.58 2.30
CA PHE A 5 11.68 -8.85 2.34
C PHE A 5 10.71 -9.59 3.24
N VAL A 6 10.04 -8.86 4.12
CA VAL A 6 9.05 -9.44 5.02
C VAL A 6 7.69 -8.86 4.68
N ASP A 7 6.69 -9.72 4.57
CA ASP A 7 5.35 -9.28 4.23
C ASP A 7 4.40 -10.04 5.15
N PHE A 8 3.77 -9.35 6.10
CA PHE A 8 2.87 -10.01 7.08
C PHE A 8 1.63 -10.65 6.40
N ASP A 9 1.28 -11.88 6.79
CA ASP A 9 0.11 -12.54 6.18
C ASP A 9 -1.26 -11.96 6.64
N TYR A 10 -2.22 -11.86 5.71
CA TYR A 10 -3.57 -11.34 5.96
C TYR A 10 -3.61 -10.44 7.17
N PHE A 11 -2.66 -9.51 7.17
CA PHE A 11 -2.44 -8.66 8.31
C PHE A 11 -3.62 -8.18 9.13
N TYR A 12 -4.51 -7.35 8.58
CA TYR A 12 -5.62 -6.85 9.40
C TYR A 12 -6.46 -7.97 10.01
N ALA A 13 -6.80 -8.96 9.17
CA ALA A 13 -7.61 -10.08 9.63
C ALA A 13 -6.79 -10.93 10.65
N GLN A 14 -5.51 -11.14 10.39
CA GLN A 14 -4.72 -11.93 11.30
C GLN A 14 -4.56 -11.24 12.67
N VAL A 15 -4.44 -9.91 12.69
CA VAL A 15 -4.34 -9.24 13.98
C VAL A 15 -5.63 -9.47 14.75
N GLU A 16 -6.77 -9.41 14.05
CA GLU A 16 -8.05 -9.59 14.73
C GLU A 16 -8.12 -11.01 15.32
N GLU A 17 -7.54 -11.98 14.62
CA GLU A 17 -7.50 -13.39 15.09
C GLU A 17 -6.58 -13.53 16.29
N VAL A 18 -5.49 -12.77 16.30
CA VAL A 18 -4.58 -12.82 17.45
C VAL A 18 -5.28 -12.22 18.68
N LEU A 19 -6.06 -11.16 18.48
CA LEU A 19 -6.77 -10.53 19.60
C LEU A 19 -8.02 -11.28 20.04
N ASN A 20 -8.52 -12.15 19.17
CA ASN A 20 -9.70 -12.96 19.47
C ASN A 20 -9.48 -14.32 18.79
N PRO A 21 -8.71 -15.20 19.43
CA PRO A 21 -8.35 -16.55 18.99
C PRO A 21 -9.53 -17.42 18.57
N SER A 22 -10.72 -17.13 19.08
CA SER A 22 -11.89 -17.92 18.72
C SER A 22 -12.24 -17.74 17.23
N LEU A 23 -11.71 -16.69 16.61
CA LEU A 23 -11.95 -16.37 15.20
C LEU A 23 -11.20 -17.30 14.25
N LYS A 24 -10.12 -17.90 14.73
CA LYS A 24 -9.34 -18.77 13.88
C LYS A 24 -10.13 -19.90 13.22
N GLY A 25 -9.90 -20.07 11.92
CA GLY A 25 -10.57 -21.10 11.16
C GLY A 25 -11.86 -20.62 10.54
N LYS A 26 -12.32 -19.43 10.92
CA LYS A 26 -13.54 -18.86 10.35
C LYS A 26 -13.19 -17.78 9.36
N PRO A 27 -14.07 -17.56 8.36
CA PRO A 27 -13.78 -16.49 7.38
C PRO A 27 -14.04 -15.18 8.11
N VAL A 28 -13.01 -14.34 8.13
CA VAL A 28 -13.05 -13.05 8.79
C VAL A 28 -12.85 -12.00 7.73
N VAL A 29 -13.70 -10.97 7.74
CA VAL A 29 -13.63 -9.90 6.76
C VAL A 29 -13.52 -8.55 7.48
N VAL A 30 -12.47 -7.78 7.20
CA VAL A 30 -12.28 -6.48 7.86
C VAL A 30 -12.86 -5.39 6.95
N CYS A 31 -13.83 -4.65 7.49
CA CYS A 31 -14.58 -3.68 6.70
C CYS A 31 -14.19 -2.22 6.93
N VAL A 32 -14.40 -1.42 5.89
CA VAL A 32 -14.19 0.02 5.93
C VAL A 32 -15.58 0.55 5.60
N PHE A 33 -16.39 0.74 6.65
CA PHE A 33 -17.76 1.21 6.53
C PHE A 33 -17.75 2.70 6.24
N SER A 34 -18.35 3.12 5.13
CA SER A 34 -18.39 4.54 4.77
C SER A 34 -19.47 5.35 5.51
N GLY A 35 -20.39 4.64 6.19
CA GLY A 35 -21.44 5.31 6.95
C GLY A 35 -22.52 5.96 6.13
N ARG A 36 -22.47 5.78 4.82
CA ARG A 36 -23.47 6.36 3.96
C ARG A 36 -24.81 5.62 4.04
N PHE A 37 -24.77 4.29 4.06
CA PHE A 37 -25.99 3.49 4.22
C PHE A 37 -25.62 2.17 4.94
N GLU A 38 -26.59 1.27 5.05
CA GLU A 38 -26.35 0.00 5.69
C GLU A 38 -25.33 -0.84 4.88
N ASP A 39 -24.16 -1.06 5.47
CA ASP A 39 -23.10 -1.85 4.85
C ASP A 39 -22.39 -1.19 3.69
N SER A 40 -22.54 0.12 3.52
CA SER A 40 -21.84 0.78 2.42
C SER A 40 -20.37 0.81 2.85
N GLY A 41 -19.49 0.68 1.88
CA GLY A 41 -18.07 0.66 2.15
C GLY A 41 -17.43 -0.49 1.42
N ALA A 42 -16.17 -0.72 1.70
CA ALA A 42 -15.44 -1.76 1.02
C ALA A 42 -14.66 -2.62 2.01
N VAL A 43 -14.22 -3.78 1.53
CA VAL A 43 -13.42 -4.70 2.31
C VAL A 43 -11.97 -4.20 2.34
N ALA A 44 -11.38 -4.09 3.52
CA ALA A 44 -9.97 -3.71 3.63
C ALA A 44 -9.11 -4.97 3.34
N THR A 45 -9.53 -6.09 3.91
CA THR A 45 -8.87 -7.36 3.68
C THR A 45 -9.71 -8.49 4.31
N ALA A 46 -9.34 -9.73 4.04
CA ALA A 46 -10.05 -10.88 4.60
C ALA A 46 -9.03 -11.99 4.74
N ASN A 47 -9.25 -12.93 5.64
CA ASN A 47 -8.30 -14.02 5.75
C ASN A 47 -8.58 -15.00 4.60
N TYR A 48 -7.65 -15.88 4.28
CA TYR A 48 -7.83 -16.80 3.13
C TYR A 48 -9.11 -17.65 3.23
N GLU A 49 -9.57 -17.94 4.44
CA GLU A 49 -10.82 -18.70 4.59
C GLU A 49 -11.93 -17.94 3.87
N ALA A 50 -11.84 -16.62 3.85
CA ALA A 50 -12.83 -15.81 3.14
C ALA A 50 -12.36 -15.52 1.72
N ARG A 51 -11.07 -15.26 1.54
CA ARG A 51 -10.52 -14.94 0.24
C ARG A 51 -10.62 -16.06 -0.78
N LYS A 52 -10.51 -17.30 -0.31
CA LYS A 52 -10.58 -18.40 -1.24
C LYS A 52 -11.93 -18.39 -1.97
N PHE A 53 -12.90 -17.63 -1.43
CA PHE A 53 -14.22 -17.55 -2.06
C PHE A 53 -14.44 -16.28 -2.83
N GLY A 54 -13.35 -15.52 -3.01
CA GLY A 54 -13.45 -14.27 -3.75
C GLY A 54 -13.67 -13.03 -2.87
N VAL A 55 -13.70 -13.20 -1.56
CA VAL A 55 -13.92 -12.03 -0.69
C VAL A 55 -12.53 -11.44 -0.42
N LYS A 56 -12.24 -10.32 -1.07
CA LYS A 56 -10.93 -9.71 -0.95
C LYS A 56 -10.95 -8.17 -0.88
N ALA A 57 -9.79 -7.62 -0.62
CA ALA A 57 -9.62 -6.18 -0.50
C ALA A 57 -10.20 -5.41 -1.67
N GLY A 58 -11.01 -4.41 -1.34
CA GLY A 58 -11.55 -3.59 -2.41
C GLY A 58 -12.96 -3.87 -2.87
N ILE A 59 -13.50 -5.07 -2.64
CA ILE A 59 -14.86 -5.30 -3.09
C ILE A 59 -15.86 -4.68 -2.10
N PRO A 60 -17.04 -4.30 -2.61
CA PRO A 60 -18.09 -3.70 -1.77
C PRO A 60 -18.48 -4.69 -0.70
N ILE A 61 -18.70 -4.19 0.52
CA ILE A 61 -19.10 -5.04 1.64
C ILE A 61 -20.39 -5.80 1.30
N VAL A 62 -21.31 -5.11 0.61
CA VAL A 62 -22.56 -5.76 0.22
C VAL A 62 -22.32 -6.99 -0.69
N GLU A 63 -21.34 -6.91 -1.58
CA GLU A 63 -21.02 -8.02 -2.44
C GLU A 63 -20.42 -9.16 -1.62
N ALA A 64 -19.58 -8.82 -0.64
CA ALA A 64 -18.96 -9.82 0.22
C ALA A 64 -20.04 -10.62 0.95
N LYS A 65 -21.02 -9.90 1.49
CA LYS A 65 -22.10 -10.53 2.23
C LYS A 65 -22.98 -11.41 1.37
N LYS A 66 -23.03 -11.14 0.07
CA LYS A 66 -23.81 -12.02 -0.82
C LYS A 66 -23.04 -13.35 -0.95
N ILE A 67 -21.71 -13.27 -0.94
CA ILE A 67 -20.88 -14.47 -1.11
C ILE A 67 -20.78 -15.30 0.17
N LEU A 68 -20.51 -14.63 1.29
CA LEU A 68 -20.39 -15.28 2.60
C LEU A 68 -21.23 -14.52 3.60
N PRO A 69 -22.57 -14.73 3.60
CA PRO A 69 -23.41 -14.01 4.56
C PRO A 69 -23.16 -14.36 6.01
N ASN A 70 -22.55 -15.51 6.26
CA ASN A 70 -22.28 -15.88 7.64
C ASN A 70 -20.84 -15.69 8.13
N ALA A 71 -20.03 -15.00 7.34
CA ALA A 71 -18.65 -14.77 7.75
C ALA A 71 -18.69 -13.74 8.90
N VAL A 72 -17.56 -13.52 9.58
CA VAL A 72 -17.48 -12.53 10.62
C VAL A 72 -17.03 -11.21 9.97
N TYR A 73 -17.87 -10.18 10.07
CA TYR A 73 -17.54 -8.87 9.51
C TYR A 73 -17.14 -7.93 10.65
N LEU A 74 -15.90 -7.43 10.59
CA LEU A 74 -15.36 -6.55 11.62
C LEU A 74 -14.96 -5.22 11.04
N PRO A 75 -15.19 -4.14 11.80
CA PRO A 75 -14.82 -2.80 11.30
C PRO A 75 -13.33 -2.67 11.51
N MET A 76 -12.67 -2.06 10.54
CA MET A 76 -11.23 -1.87 10.59
C MET A 76 -10.88 -1.07 11.84
N ARG A 77 -9.77 -1.42 12.48
CA ARG A 77 -9.27 -0.72 13.65
C ARG A 77 -7.81 -0.49 13.30
N LYS A 78 -7.60 0.38 12.33
CA LYS A 78 -6.27 0.70 11.83
C LYS A 78 -5.27 0.98 12.95
N GLU A 79 -5.63 1.83 13.91
CA GLU A 79 -4.73 2.18 15.00
C GLU A 79 -4.16 0.97 15.70
N VAL A 80 -4.99 -0.06 15.89
CA VAL A 80 -4.52 -1.28 16.56
C VAL A 80 -3.54 -1.97 15.62
N TYR A 81 -3.90 -2.10 14.33
CA TYR A 81 -2.98 -2.76 13.39
C TYR A 81 -1.65 -1.98 13.33
N GLN A 82 -1.75 -0.65 13.32
CA GLN A 82 -0.54 0.18 13.23
C GLN A 82 0.38 -0.02 14.44
N GLN A 83 -0.20 -0.12 15.64
CA GLN A 83 0.64 -0.33 16.82
C GLN A 83 1.32 -1.69 16.78
N VAL A 84 0.58 -2.71 16.33
CA VAL A 84 1.14 -4.05 16.22
C VAL A 84 2.25 -4.07 15.16
N SER A 85 1.99 -3.43 14.03
CA SER A 85 2.99 -3.34 12.94
C SER A 85 4.27 -2.65 13.48
N SER A 86 4.10 -1.57 14.21
CA SER A 86 5.28 -0.84 14.76
C SER A 86 6.16 -1.74 15.62
N ARG A 87 5.54 -2.59 16.43
CA ARG A 87 6.31 -3.50 17.28
C ARG A 87 7.05 -4.50 16.44
N ILE A 88 6.40 -4.99 15.39
CA ILE A 88 7.09 -5.97 14.55
C ILE A 88 8.26 -5.30 13.82
N MET A 89 8.05 -4.09 13.29
CA MET A 89 9.11 -3.39 12.60
C MET A 89 10.30 -3.22 13.55
N ASN A 90 10.05 -2.97 14.84
CA ASN A 90 11.13 -2.82 15.82
C ASN A 90 11.91 -4.10 16.01
N LEU A 91 11.26 -5.26 15.87
CA LEU A 91 11.95 -6.54 15.99
C LEU A 91 12.89 -6.74 14.79
N LEU A 92 12.42 -6.36 13.60
CA LEU A 92 13.22 -6.50 12.38
C LEU A 92 14.51 -5.66 12.40
N ARG A 93 14.49 -4.50 13.05
CA ARG A 93 15.68 -3.65 13.15
C ARG A 93 16.86 -4.34 13.81
N GLU A 94 16.60 -5.40 14.56
CA GLU A 94 17.66 -6.13 15.23
C GLU A 94 18.51 -6.97 14.27
N TYR A 95 17.96 -7.23 13.09
CA TYR A 95 18.63 -8.05 12.08
C TYR A 95 19.39 -7.26 11.02
N SER A 96 19.24 -5.94 11.03
CA SER A 96 19.95 -5.09 10.09
C SER A 96 19.69 -3.61 10.31
N GLU A 97 20.74 -2.80 10.21
CA GLU A 97 20.62 -1.36 10.38
C GLU A 97 20.06 -0.76 9.09
N LYS A 98 20.23 -1.47 7.98
CA LYS A 98 19.71 -1.00 6.69
C LYS A 98 18.32 -1.62 6.45
N ILE A 99 17.28 -0.88 6.82
CA ILE A 99 15.92 -1.36 6.67
C ILE A 99 15.01 -0.30 6.08
N GLU A 100 14.18 -0.71 5.13
CA GLU A 100 13.23 0.18 4.47
C GLU A 100 11.82 -0.28 4.75
N ILE A 101 11.10 0.44 5.61
CA ILE A 101 9.72 0.08 5.94
C ILE A 101 8.87 0.63 4.79
N ALA A 102 8.37 -0.26 3.95
CA ALA A 102 7.64 0.14 2.76
C ALA A 102 6.15 0.45 2.97
N SER A 103 5.54 -0.22 3.94
CA SER A 103 4.11 0.00 4.20
C SER A 103 3.78 -0.54 5.54
N ILE A 104 2.50 -0.50 5.88
CA ILE A 104 2.06 -0.99 7.18
C ILE A 104 2.47 -2.43 7.48
N ASP A 105 2.73 -3.24 6.45
CA ASP A 105 3.11 -4.61 6.70
C ASP A 105 4.24 -5.19 5.82
N GLU A 106 5.14 -4.31 5.34
CA GLU A 106 6.26 -4.75 4.49
C GLU A 106 7.52 -4.05 4.90
N ALA A 107 8.63 -4.77 4.82
CA ALA A 107 9.94 -4.18 5.13
C ALA A 107 11.01 -4.91 4.34
N TYR A 108 11.97 -4.13 3.83
CA TYR A 108 13.15 -4.67 3.10
C TYR A 108 14.35 -4.48 4.02
N LEU A 109 15.17 -5.52 4.16
CA LEU A 109 16.37 -5.43 4.98
C LEU A 109 17.53 -5.80 4.06
N ASP A 110 18.58 -5.00 4.08
CA ASP A 110 19.78 -5.35 3.30
C ASP A 110 20.62 -6.17 4.25
N ILE A 111 20.72 -7.47 4.01
CA ILE A 111 21.49 -8.33 4.91
C ILE A 111 22.80 -8.77 4.29
N SER A 112 23.25 -8.03 3.27
CA SER A 112 24.53 -8.32 2.60
C SER A 112 25.72 -8.40 3.58
N ASP A 113 25.77 -7.51 4.57
CA ASP A 113 26.85 -7.53 5.57
C ASP A 113 26.58 -8.49 6.73
N LYS A 114 25.43 -9.16 6.71
CA LYS A 114 25.04 -10.05 7.79
C LYS A 114 25.17 -11.54 7.49
N VAL A 115 25.03 -11.92 6.23
CA VAL A 115 25.14 -13.33 5.84
C VAL A 115 26.11 -13.43 4.67
N ARG A 116 26.69 -14.59 4.46
CA ARG A 116 27.65 -14.77 3.37
C ARG A 116 27.04 -15.30 2.08
N ASP A 117 25.95 -16.07 2.19
CA ASP A 117 25.30 -16.61 1.02
C ASP A 117 23.78 -16.80 1.24
N TYR A 118 23.11 -17.39 0.26
CA TYR A 118 21.66 -17.62 0.37
C TYR A 118 21.27 -18.67 1.38
N ARG A 119 22.18 -19.59 1.70
CA ARG A 119 21.90 -20.62 2.70
C ARG A 119 21.75 -19.91 4.03
N GLU A 120 22.71 -19.06 4.33
CA GLU A 120 22.68 -18.30 5.58
C GLU A 120 21.52 -17.30 5.58
N ALA A 121 21.21 -16.71 4.42
CA ALA A 121 20.12 -15.76 4.31
C ALA A 121 18.83 -16.49 4.67
N TYR A 122 18.65 -17.67 4.08
CA TYR A 122 17.46 -18.49 4.32
C TYR A 122 17.31 -18.80 5.82
N ASN A 123 18.40 -19.19 6.46
CA ASN A 123 18.36 -19.49 7.89
C ASN A 123 18.01 -18.25 8.70
N LEU A 124 18.46 -17.07 8.27
CA LEU A 124 18.14 -15.83 8.98
C LEU A 124 16.63 -15.55 8.80
N GLY A 125 16.11 -15.89 7.61
CA GLY A 125 14.70 -15.70 7.33
C GLY A 125 13.85 -16.53 8.32
N LEU A 126 14.26 -17.78 8.55
CA LEU A 126 13.58 -18.65 9.50
C LEU A 126 13.66 -18.07 10.91
N GLU A 127 14.83 -17.54 11.26
CA GLU A 127 15.05 -16.95 12.56
C GLU A 127 14.09 -15.80 12.76
N ILE A 128 13.97 -14.96 11.74
CA ILE A 128 13.07 -13.81 11.78
C ILE A 128 11.60 -14.25 11.90
N LYS A 129 11.20 -15.23 11.10
CA LYS A 129 9.82 -15.71 11.15
C LYS A 129 9.50 -16.22 12.55
N ASN A 130 10.42 -16.98 13.13
CA ASN A 130 10.22 -17.52 14.48
C ASN A 130 10.17 -16.44 15.52
N LYS A 131 11.05 -15.46 15.41
CA LYS A 131 11.09 -14.37 16.39
C LYS A 131 9.74 -13.62 16.41
N ILE A 132 9.20 -13.33 15.22
CA ILE A 132 7.93 -12.61 15.12
C ILE A 132 6.75 -13.47 15.62
N LEU A 133 6.81 -14.76 15.38
CA LEU A 133 5.78 -15.68 15.83
C LEU A 133 5.87 -15.78 17.37
N GLU A 134 7.08 -15.89 17.89
CA GLU A 134 7.31 -15.98 19.33
C GLU A 134 6.74 -14.75 20.06
N LYS A 135 7.18 -13.57 19.63
CA LYS A 135 6.78 -12.31 20.25
C LYS A 135 5.38 -11.77 19.99
N GLU A 136 4.90 -11.85 18.75
CA GLU A 136 3.59 -11.31 18.41
C GLU A 136 2.53 -12.30 17.90
N LYS A 137 2.90 -13.57 17.70
CA LYS A 137 1.95 -14.60 17.26
C LYS A 137 1.53 -14.38 15.82
N ILE A 138 2.24 -13.50 15.12
CA ILE A 138 1.94 -13.16 13.71
C ILE A 138 2.83 -13.95 12.72
N THR A 139 2.21 -14.58 11.71
CA THR A 139 2.98 -15.31 10.74
C THR A 139 3.26 -14.35 9.57
N VAL A 140 4.36 -14.55 8.87
CA VAL A 140 4.73 -13.69 7.75
C VAL A 140 5.35 -14.49 6.65
N THR A 141 5.54 -13.86 5.49
CA THR A 141 6.17 -14.58 4.42
C THR A 141 7.47 -13.82 4.13
N VAL A 142 8.55 -14.56 3.94
CA VAL A 142 9.84 -13.97 3.66
C VAL A 142 10.28 -14.30 2.23
N GLY A 143 10.75 -13.27 1.52
CA GLY A 143 11.25 -13.44 0.16
C GLY A 143 12.69 -12.97 0.16
N ILE A 144 13.59 -13.79 -0.40
CA ILE A 144 15.02 -13.42 -0.47
C ILE A 144 15.58 -13.50 -1.88
N SER A 145 16.37 -12.48 -2.28
CA SER A 145 17.00 -12.42 -3.59
C SER A 145 18.06 -11.34 -3.64
N LYS A 146 18.54 -11.06 -4.85
CA LYS A 146 19.61 -10.08 -5.08
C LYS A 146 19.19 -8.62 -5.14
N ASN A 147 17.88 -8.36 -5.19
CA ASN A 147 17.41 -6.97 -5.18
C ASN A 147 16.01 -6.92 -4.62
N LYS A 148 15.50 -5.71 -4.41
CA LYS A 148 14.17 -5.54 -3.83
C LYS A 148 13.03 -6.12 -4.67
N VAL A 149 13.09 -5.92 -5.98
CA VAL A 149 12.03 -6.40 -6.83
C VAL A 149 11.90 -7.92 -6.75
N PHE A 150 13.01 -8.63 -6.96
CA PHE A 150 12.96 -10.09 -6.87
C PHE A 150 12.70 -10.62 -5.48
N ALA A 151 13.13 -9.88 -4.47
CA ALA A 151 12.84 -10.28 -3.10
C ALA A 151 11.33 -10.24 -2.91
N LYS A 152 10.69 -9.23 -3.47
CA LYS A 152 9.22 -9.10 -3.36
C LYS A 152 8.52 -10.21 -4.17
N ILE A 153 9.00 -10.49 -5.38
CA ILE A 153 8.39 -11.55 -6.20
C ILE A 153 8.53 -12.88 -5.43
N ALA A 154 9.68 -13.11 -4.80
CA ALA A 154 9.88 -14.34 -4.03
C ALA A 154 8.79 -14.49 -2.97
N ALA A 155 8.48 -13.40 -2.26
CA ALA A 155 7.43 -13.43 -1.25
C ALA A 155 6.07 -13.73 -1.90
N ASP A 156 5.78 -13.06 -3.04
CA ASP A 156 4.49 -13.28 -3.71
C ASP A 156 4.31 -14.76 -4.01
N MET A 157 5.41 -15.41 -4.38
CA MET A 157 5.37 -16.82 -4.74
C MET A 157 5.17 -17.74 -3.57
N ALA A 158 5.64 -17.36 -2.39
CA ALA A 158 5.55 -18.20 -1.22
C ALA A 158 4.45 -17.94 -0.20
N LYS A 159 3.76 -16.80 -0.26
CA LYS A 159 2.74 -16.52 0.74
C LYS A 159 1.54 -17.47 0.67
N PRO A 160 0.91 -17.74 1.83
CA PRO A 160 1.24 -17.23 3.16
C PRO A 160 2.15 -18.15 3.97
N ASN A 161 2.68 -17.63 5.07
CA ASN A 161 3.55 -18.36 5.97
C ASN A 161 4.62 -19.11 5.20
N GLY A 162 5.31 -18.41 4.32
CA GLY A 162 6.36 -19.07 3.56
C GLY A 162 7.70 -18.35 3.60
N ILE A 163 8.67 -18.94 2.90
CA ILE A 163 10.00 -18.40 2.78
C ILE A 163 10.54 -18.93 1.47
N LYS A 164 11.15 -18.05 0.68
CA LYS A 164 11.69 -18.47 -0.59
C LYS A 164 12.86 -17.64 -1.05
N VAL A 165 13.84 -18.33 -1.63
CA VAL A 165 15.02 -17.69 -2.17
C VAL A 165 14.98 -17.78 -3.68
N ILE A 166 15.24 -16.68 -4.38
CA ILE A 166 15.28 -16.69 -5.85
C ILE A 166 16.77 -16.41 -6.14
N ASP A 167 17.55 -17.45 -6.38
CA ASP A 167 18.97 -17.27 -6.65
C ASP A 167 19.22 -16.70 -8.05
N ASP A 168 20.50 -16.43 -8.35
CA ASP A 168 20.87 -15.85 -9.63
C ASP A 168 20.37 -16.60 -10.84
N GLU A 169 20.41 -17.92 -10.77
CA GLU A 169 19.95 -18.74 -11.88
C GLU A 169 18.45 -18.59 -12.07
N GLU A 170 17.69 -18.56 -10.97
CA GLU A 170 16.23 -18.43 -11.10
C GLU A 170 15.86 -17.04 -11.55
N VAL A 171 16.63 -16.03 -11.15
CA VAL A 171 16.35 -14.67 -11.60
C VAL A 171 16.39 -14.66 -13.13
N LYS A 172 17.38 -15.33 -13.70
CA LYS A 172 17.49 -15.38 -15.18
C LYS A 172 16.31 -16.12 -15.78
N ARG A 173 15.86 -17.18 -15.12
CA ARG A 173 14.72 -17.94 -15.60
C ARG A 173 13.46 -17.05 -15.57
N LEU A 174 13.25 -16.34 -14.45
CA LEU A 174 12.08 -15.47 -14.34
C LEU A 174 12.10 -14.36 -15.39
N ILE A 175 13.29 -13.83 -15.69
CA ILE A 175 13.38 -12.78 -16.68
C ILE A 175 12.80 -13.28 -18.01
N ARG A 176 12.85 -14.58 -18.20
CA ARG A 176 12.33 -15.20 -19.41
C ARG A 176 10.90 -15.70 -19.28
N GLU A 177 10.56 -16.28 -18.13
CA GLU A 177 9.24 -16.87 -17.95
C GLU A 177 8.17 -16.18 -17.12
N LEU A 178 8.55 -15.26 -16.22
CA LEU A 178 7.56 -14.58 -15.40
C LEU A 178 6.65 -13.67 -16.23
N ASP A 179 5.35 -13.78 -16.00
CA ASP A 179 4.38 -12.92 -16.67
C ASP A 179 4.78 -11.50 -16.23
N ILE A 180 4.98 -10.59 -17.17
CA ILE A 180 5.42 -9.25 -16.85
C ILE A 180 4.38 -8.48 -16.03
N ALA A 181 3.13 -8.92 -16.08
CA ALA A 181 2.08 -8.26 -15.32
C ALA A 181 2.37 -8.51 -13.87
N ASP A 182 3.06 -9.60 -13.55
CA ASP A 182 3.36 -9.87 -12.15
C ASP A 182 4.59 -9.17 -11.56
N VAL A 183 5.17 -8.27 -12.34
CA VAL A 183 6.32 -7.51 -11.89
C VAL A 183 5.81 -6.29 -11.09
N PRO A 184 6.38 -6.06 -9.89
CA PRO A 184 5.95 -4.91 -9.08
C PRO A 184 6.00 -3.63 -9.93
N GLY A 185 4.94 -2.82 -9.85
CA GLY A 185 4.95 -1.55 -10.58
C GLY A 185 4.19 -1.63 -11.88
N ILE A 186 3.70 -2.82 -12.24
CA ILE A 186 2.93 -2.97 -13.47
C ILE A 186 1.48 -3.31 -13.15
N GLY A 187 0.61 -2.31 -13.18
CA GLY A 187 -0.79 -2.54 -12.89
C GLY A 187 -1.54 -2.92 -14.15
N ASN A 188 -2.87 -2.94 -14.09
CA ASN A 188 -3.65 -3.31 -15.28
C ASN A 188 -3.46 -2.39 -16.48
N ILE A 189 -3.39 -1.08 -16.24
CA ILE A 189 -3.21 -0.15 -17.33
C ILE A 189 -1.89 -0.32 -18.05
N THR A 190 -0.81 -0.50 -17.30
CA THR A 190 0.50 -0.70 -17.92
C THR A 190 0.54 -2.08 -18.58
N ALA A 191 -0.01 -3.10 -17.90
CA ALA A 191 -0.01 -4.46 -18.44
C ALA A 191 -0.74 -4.53 -19.78
N GLU A 192 -1.80 -3.75 -19.94
CA GLU A 192 -2.56 -3.73 -21.21
C GLU A 192 -1.74 -3.10 -22.32
N LYS A 193 -1.06 -1.99 -22.00
CA LYS A 193 -0.21 -1.32 -22.96
C LYS A 193 0.94 -2.20 -23.43
N LEU A 194 1.45 -3.02 -22.52
CA LEU A 194 2.55 -3.92 -22.84
C LEU A 194 2.06 -5.09 -23.68
N LYS A 195 0.94 -5.71 -23.27
CA LYS A 195 0.38 -6.83 -24.00
C LYS A 195 0.17 -6.39 -25.44
N LYS A 196 -0.20 -5.12 -25.59
CA LYS A 196 -0.43 -4.54 -26.90
C LYS A 196 0.83 -4.35 -27.74
N LEU A 197 2.00 -4.57 -27.14
CA LEU A 197 3.26 -4.43 -27.84
C LEU A 197 3.87 -5.81 -27.99
N GLY A 198 3.16 -6.83 -27.54
CA GLY A 198 3.63 -8.20 -27.63
C GLY A 198 4.54 -8.56 -26.48
N ILE A 199 4.66 -7.63 -25.53
CA ILE A 199 5.52 -7.82 -24.37
C ILE A 199 4.79 -8.57 -23.24
N ASN A 200 5.15 -9.83 -23.03
CA ASN A 200 4.55 -10.66 -21.98
C ASN A 200 5.59 -11.04 -20.95
N LYS A 201 6.87 -10.82 -21.28
CA LYS A 201 7.98 -11.19 -20.38
C LYS A 201 9.00 -10.09 -20.33
N LEU A 202 9.73 -10.00 -19.22
CA LEU A 202 10.74 -8.95 -19.07
C LEU A 202 11.72 -8.99 -20.25
N VAL A 203 12.19 -10.19 -20.57
CA VAL A 203 13.14 -10.36 -21.67
C VAL A 203 12.69 -9.66 -22.97
N ASP A 204 11.38 -9.57 -23.17
CA ASP A 204 10.84 -8.94 -24.38
C ASP A 204 11.13 -7.46 -24.51
N THR A 205 11.38 -6.79 -23.38
CA THR A 205 11.66 -5.34 -23.44
C THR A 205 13.04 -5.03 -23.99
N LEU A 206 13.86 -6.06 -24.20
CA LEU A 206 15.23 -5.84 -24.71
C LEU A 206 15.26 -5.83 -26.24
N SER A 207 14.21 -6.37 -26.86
CA SER A 207 14.16 -6.43 -28.33
C SER A 207 13.23 -5.40 -28.97
N ILE A 208 12.62 -4.55 -28.18
CA ILE A 208 11.73 -3.52 -28.71
C ILE A 208 12.49 -2.20 -28.75
N GLU A 209 12.23 -1.37 -29.76
CA GLU A 209 12.89 -0.09 -29.85
C GLU A 209 12.54 0.67 -28.59
N PHE A 210 13.56 1.17 -27.90
CA PHE A 210 13.35 1.90 -26.65
C PHE A 210 12.32 2.99 -26.77
N ASP A 211 12.44 3.83 -27.80
CA ASP A 211 11.49 4.93 -27.99
C ASP A 211 10.05 4.44 -28.11
N LYS A 212 9.86 3.25 -28.67
CA LYS A 212 8.51 2.71 -28.81
C LYS A 212 8.00 2.28 -27.44
N LEU A 213 8.87 1.72 -26.61
CA LEU A 213 8.49 1.30 -25.26
C LEU A 213 8.20 2.52 -24.41
N LYS A 214 9.12 3.48 -24.44
CA LYS A 214 8.97 4.73 -23.70
C LYS A 214 7.72 5.54 -24.09
N GLY A 215 7.41 5.55 -25.39
CA GLY A 215 6.24 6.29 -25.84
C GLY A 215 4.93 5.72 -25.35
N MET A 216 4.91 4.43 -25.08
CA MET A 216 3.70 3.77 -24.60
C MET A 216 3.55 3.73 -23.07
N ILE A 217 4.65 3.54 -22.33
CA ILE A 217 4.56 3.46 -20.87
C ILE A 217 5.33 4.51 -20.07
N GLY A 218 6.01 5.43 -20.75
CA GLY A 218 6.77 6.45 -20.03
C GLY A 218 8.23 6.03 -19.85
N GLU A 219 9.09 7.04 -19.84
CA GLU A 219 10.52 6.84 -19.71
C GLU A 219 10.95 6.08 -18.45
N ALA A 220 10.41 6.45 -17.27
CA ALA A 220 10.81 5.80 -16.03
C ALA A 220 10.44 4.34 -15.97
N LYS A 221 9.21 4.00 -16.32
CA LYS A 221 8.82 2.60 -16.28
C LYS A 221 9.59 1.80 -17.33
N ALA A 222 9.89 2.40 -18.47
CA ALA A 222 10.63 1.67 -19.52
C ALA A 222 12.06 1.37 -19.03
N LYS A 223 12.70 2.37 -18.47
CA LYS A 223 14.06 2.21 -17.94
C LYS A 223 14.10 1.19 -16.82
N TYR A 224 13.03 1.17 -16.02
CA TYR A 224 12.88 0.28 -14.90
C TYR A 224 12.83 -1.17 -15.42
N LEU A 225 11.92 -1.42 -16.35
CA LEU A 225 11.76 -2.79 -16.88
C LEU A 225 13.01 -3.28 -17.61
N ILE A 226 13.64 -2.42 -18.39
CA ILE A 226 14.84 -2.78 -19.12
C ILE A 226 15.96 -3.12 -18.14
N SER A 227 16.12 -2.33 -17.09
CA SER A 227 17.18 -2.62 -16.11
C SER A 227 16.97 -3.98 -15.46
N LEU A 228 15.71 -4.33 -15.20
CA LEU A 228 15.41 -5.62 -14.58
C LEU A 228 15.74 -6.73 -15.56
N ALA A 229 15.34 -6.53 -16.83
CA ALA A 229 15.53 -7.54 -17.86
C ALA A 229 17.01 -7.79 -18.08
N ARG A 230 17.81 -6.71 -17.97
CA ARG A 230 19.26 -6.79 -18.12
C ARG A 230 19.91 -7.28 -16.84
N ASP A 231 19.09 -7.59 -15.85
CA ASP A 231 19.58 -8.06 -14.57
C ASP A 231 20.57 -7.03 -14.01
N GLU A 232 20.27 -5.75 -14.21
CA GLU A 232 21.13 -4.69 -13.72
C GLU A 232 20.42 -3.74 -12.75
N TYR A 233 19.22 -4.11 -12.31
CA TYR A 233 18.47 -3.29 -11.38
C TYR A 233 19.23 -3.17 -10.07
N ASN A 234 19.53 -1.92 -9.73
CA ASN A 234 20.23 -1.59 -8.51
C ASN A 234 19.49 -0.43 -7.82
N GLU A 235 18.91 -0.74 -6.67
CA GLU A 235 18.20 0.26 -5.87
C GLU A 235 18.50 -0.06 -4.41
N PRO A 236 19.18 0.85 -3.74
CA PRO A 236 19.51 0.61 -2.33
C PRO A 236 18.30 0.64 -1.37
N ILE A 237 18.46 -0.04 -0.24
CA ILE A 237 17.45 -0.05 0.81
C ILE A 237 17.59 1.29 1.54
N ARG A 238 16.54 2.11 1.56
CA ARG A 238 16.63 3.39 2.24
C ARG A 238 15.53 3.63 3.27
N THR A 239 15.92 4.28 4.37
CA THR A 239 15.01 4.63 5.45
C THR A 239 13.93 5.49 4.86
N ARG A 240 12.67 5.14 5.07
CA ARG A 240 11.60 5.96 4.56
C ARG A 240 11.09 6.96 5.57
N VAL A 241 10.65 8.11 5.06
CA VAL A 241 10.10 9.17 5.89
C VAL A 241 8.79 9.56 5.25
N ARG A 242 7.72 9.63 6.03
CA ARG A 242 6.43 9.99 5.47
C ARG A 242 6.47 11.41 4.90
N LYS A 243 5.85 11.60 3.75
CA LYS A 243 5.86 12.88 3.08
C LYS A 243 4.50 13.55 3.04
N SER A 244 3.45 12.78 3.33
CA SER A 244 2.11 13.35 3.34
C SER A 244 1.23 12.64 4.34
N ILE A 245 0.26 13.36 4.88
CA ILE A 245 -0.71 12.82 5.82
C ILE A 245 -2.02 13.52 5.57
N GLY A 246 -3.09 12.74 5.48
CA GLY A 246 -4.38 13.34 5.24
C GLY A 246 -5.52 12.49 5.73
N ARG A 247 -6.71 12.92 5.39
CA ARG A 247 -7.94 12.23 5.76
C ARG A 247 -9.01 12.68 4.80
N ILE A 248 -9.75 11.71 4.28
CA ILE A 248 -10.85 12.03 3.37
C ILE A 248 -12.06 11.20 3.90
N VAL A 249 -13.23 11.79 3.88
CA VAL A 249 -14.42 11.16 4.40
C VAL A 249 -15.55 11.16 3.40
N THR A 250 -16.51 10.25 3.59
CA THR A 250 -17.64 10.15 2.68
C THR A 250 -18.81 10.94 3.23
N MET A 251 -19.46 11.72 2.37
CA MET A 251 -20.59 12.49 2.82
C MET A 251 -21.87 11.62 2.76
N LYS A 252 -22.80 11.91 3.65
CA LYS A 252 -24.06 11.17 3.71
C LYS A 252 -24.71 11.16 2.34
N ARG A 253 -24.62 12.30 1.66
CA ARG A 253 -25.19 12.43 0.32
C ARG A 253 -24.37 13.41 -0.50
N ASN A 254 -24.31 13.20 -1.81
CA ASN A 254 -23.54 14.05 -2.70
C ASN A 254 -24.02 15.50 -2.58
N SER A 255 -23.13 16.45 -2.86
CA SER A 255 -23.47 17.85 -2.76
C SER A 255 -22.39 18.77 -3.28
N ARG A 256 -22.78 19.99 -3.62
CA ARG A 256 -21.84 21.00 -4.06
C ARG A 256 -22.27 22.30 -3.39
N ASN A 257 -22.84 22.14 -2.21
CA ASN A 257 -23.30 23.24 -1.36
C ASN A 257 -22.22 23.43 -0.29
N LEU A 258 -21.53 24.56 -0.35
CA LEU A 258 -20.46 24.86 0.56
C LEU A 258 -20.77 24.60 2.03
N GLU A 259 -21.88 25.13 2.52
CA GLU A 259 -22.22 24.95 3.91
C GLU A 259 -22.51 23.51 4.32
N GLU A 260 -22.93 22.70 3.36
CA GLU A 260 -23.22 21.31 3.65
C GLU A 260 -21.93 20.47 3.66
N ILE A 261 -20.95 20.90 2.87
CA ILE A 261 -19.66 20.21 2.77
C ILE A 261 -18.72 20.53 3.93
N LYS A 262 -18.74 21.80 4.36
CA LYS A 262 -17.88 22.30 5.45
C LYS A 262 -17.67 21.42 6.68
N PRO A 263 -18.75 20.93 7.29
CA PRO A 263 -18.58 20.07 8.47
C PRO A 263 -17.66 18.86 8.23
N TYR A 264 -17.81 18.21 7.07
CA TYR A 264 -16.99 17.05 6.69
C TYR A 264 -15.55 17.49 6.47
N LEU A 265 -15.39 18.60 5.78
CA LEU A 265 -14.07 19.13 5.52
C LEU A 265 -13.37 19.47 6.83
N PHE A 266 -14.07 20.14 7.74
CA PHE A 266 -13.47 20.47 9.03
C PHE A 266 -13.21 19.21 9.86
N ARG A 267 -14.10 18.23 9.80
CA ARG A 267 -13.81 17.00 10.54
C ARG A 267 -12.54 16.34 9.99
N ALA A 268 -12.35 16.40 8.67
CA ALA A 268 -11.17 15.78 8.04
C ALA A 268 -9.89 16.53 8.48
N ILE A 269 -10.02 17.86 8.65
CA ILE A 269 -8.89 18.65 9.12
C ILE A 269 -8.53 18.27 10.56
N GLU A 270 -9.53 18.16 11.42
CA GLU A 270 -9.28 17.80 12.82
C GLU A 270 -8.52 16.48 12.94
N GLU A 271 -8.99 15.47 12.22
CA GLU A 271 -8.36 14.15 12.27
C GLU A 271 -6.97 14.16 11.68
N SER A 272 -6.78 14.96 10.63
CA SER A 272 -5.46 15.08 9.99
C SER A 272 -4.44 15.66 10.97
N TYR A 273 -4.83 16.71 11.70
CA TYR A 273 -3.92 17.34 12.65
C TYR A 273 -3.58 16.40 13.77
N TYR A 274 -4.56 15.60 14.17
CA TYR A 274 -4.32 14.60 15.20
C TYR A 274 -3.22 13.63 14.68
N LYS A 275 -3.34 13.23 13.40
CA LYS A 275 -2.37 12.31 12.75
C LYS A 275 -1.00 12.94 12.43
N LEU A 276 -0.93 14.27 12.34
CA LEU A 276 0.34 14.97 12.08
C LEU A 276 1.25 14.81 13.32
N ASP A 277 0.65 14.93 14.51
CA ASP A 277 1.39 14.79 15.77
C ASP A 277 2.79 15.43 15.79
N LYS A 278 2.83 16.75 15.92
CA LYS A 278 4.10 17.48 15.99
C LYS A 278 4.71 17.87 14.65
N ARG A 279 4.37 17.14 13.60
CA ARG A 279 4.86 17.49 12.26
C ARG A 279 4.10 18.72 11.82
N ILE A 280 4.80 19.73 11.35
CA ILE A 280 4.17 20.97 10.91
C ILE A 280 4.28 21.04 9.38
N PRO A 281 3.14 21.03 8.68
CA PRO A 281 3.12 21.09 7.23
C PRO A 281 3.15 22.51 6.72
N LYS A 282 3.77 22.71 5.56
CA LYS A 282 3.78 24.02 4.90
C LYS A 282 2.82 24.02 3.73
N ALA A 283 2.26 22.85 3.40
CA ALA A 283 1.33 22.73 2.28
C ALA A 283 0.05 21.98 2.66
N ILE A 284 -1.06 22.47 2.14
CA ILE A 284 -2.34 21.86 2.36
C ILE A 284 -3.05 21.67 1.01
N HIS A 285 -3.68 20.53 0.80
CA HIS A 285 -4.45 20.29 -0.42
C HIS A 285 -5.81 19.85 -0.05
N VAL A 286 -6.84 20.40 -0.71
CA VAL A 286 -8.20 19.92 -0.46
C VAL A 286 -8.41 18.95 -1.61
N VAL A 287 -8.92 17.76 -1.28
CA VAL A 287 -9.14 16.69 -2.26
C VAL A 287 -10.62 16.32 -2.26
N ALA A 288 -11.22 16.30 -3.44
CA ALA A 288 -12.63 15.94 -3.59
C ALA A 288 -12.82 14.78 -4.56
N VAL A 289 -13.69 13.83 -4.22
CA VAL A 289 -13.97 12.71 -5.12
C VAL A 289 -15.37 13.04 -5.61
N THR A 290 -15.50 13.26 -6.91
CA THR A 290 -16.78 13.61 -7.49
C THR A 290 -17.78 12.45 -7.52
N GLU A 291 -19.03 12.78 -7.83
CA GLU A 291 -20.10 11.78 -7.91
C GLU A 291 -19.74 10.64 -8.87
N ASP A 292 -19.12 10.99 -10.00
CA ASP A 292 -18.72 9.98 -10.99
C ASP A 292 -17.38 9.33 -10.63
N LEU A 293 -16.95 9.54 -9.39
CA LEU A 293 -15.73 8.97 -8.82
C LEU A 293 -14.37 9.53 -9.27
N ASP A 294 -14.36 10.68 -9.95
CA ASP A 294 -13.11 11.29 -10.37
C ASP A 294 -12.47 11.96 -9.14
N ILE A 295 -11.18 12.24 -9.19
CA ILE A 295 -10.51 12.88 -8.07
C ILE A 295 -10.00 14.25 -8.49
N VAL A 296 -10.43 15.29 -7.78
CA VAL A 296 -10.04 16.68 -8.06
C VAL A 296 -9.36 17.26 -6.82
N SER A 297 -8.33 18.07 -7.02
CA SER A 297 -7.64 18.67 -5.87
C SER A 297 -7.03 20.02 -6.16
N ARG A 298 -6.93 20.82 -5.12
CA ARG A 298 -6.39 22.19 -5.20
C ARG A 298 -5.59 22.39 -3.92
N GLY A 299 -4.36 22.85 -4.04
CA GLY A 299 -3.58 23.07 -2.85
C GLY A 299 -2.93 24.44 -2.76
N ARG A 300 -2.26 24.68 -1.64
CA ARG A 300 -1.51 25.91 -1.45
C ARG A 300 -0.33 25.66 -0.55
N THR A 301 0.83 26.19 -0.92
CA THR A 301 2.05 26.04 -0.14
C THR A 301 2.38 27.38 0.51
N PHE A 302 2.66 27.36 1.82
CA PHE A 302 2.98 28.62 2.53
C PHE A 302 4.45 28.66 2.86
N PRO A 303 5.02 29.87 3.01
CA PRO A 303 6.46 29.95 3.33
C PRO A 303 6.68 29.62 4.81
N HIS A 304 5.62 29.17 5.48
CA HIS A 304 5.73 28.82 6.90
C HIS A 304 4.79 27.65 7.24
N GLY A 305 4.83 27.19 8.47
CA GLY A 305 3.96 26.12 8.89
C GLY A 305 2.49 26.54 8.94
N ILE A 306 1.60 25.57 8.76
CA ILE A 306 0.18 25.85 8.74
C ILE A 306 -0.48 25.52 10.08
N SER A 307 -0.97 26.56 10.77
CA SER A 307 -1.63 26.33 12.06
C SER A 307 -3.02 25.72 11.74
N LYS A 308 -3.66 25.11 12.72
CA LYS A 308 -4.97 24.55 12.44
C LYS A 308 -5.97 25.60 11.99
N GLU A 309 -5.89 26.80 12.56
CA GLU A 309 -6.83 27.85 12.21
C GLU A 309 -6.60 28.28 10.75
N THR A 310 -5.34 28.31 10.33
CA THR A 310 -5.03 28.63 8.94
C THR A 310 -5.50 27.49 8.02
N ALA A 311 -5.45 26.25 8.53
CA ALA A 311 -5.88 25.10 7.73
C ALA A 311 -7.41 25.24 7.47
N TYR A 312 -8.14 25.60 8.50
CA TYR A 312 -9.59 25.81 8.37
C TYR A 312 -9.94 26.87 7.32
N SER A 313 -9.36 28.06 7.43
CA SER A 313 -9.67 29.12 6.49
C SER A 313 -9.18 28.87 5.10
N GLU A 314 -7.96 28.38 4.93
CA GLU A 314 -7.47 28.13 3.59
C GLU A 314 -8.21 26.97 2.89
N SER A 315 -8.62 25.98 3.67
CA SER A 315 -9.31 24.83 3.10
C SER A 315 -10.61 25.26 2.42
N VAL A 316 -11.31 26.22 3.02
CA VAL A 316 -12.55 26.70 2.44
C VAL A 316 -12.27 27.37 1.11
N LYS A 317 -11.25 28.23 1.05
CA LYS A 317 -10.92 28.92 -0.21
C LYS A 317 -10.57 27.92 -1.31
N LEU A 318 -9.86 26.84 -0.96
CA LEU A 318 -9.47 25.83 -1.94
C LEU A 318 -10.68 25.02 -2.37
N LEU A 319 -11.60 24.76 -1.44
CA LEU A 319 -12.82 24.01 -1.78
C LEU A 319 -13.69 24.86 -2.71
N GLN A 320 -13.76 26.16 -2.44
CA GLN A 320 -14.49 27.06 -3.31
C GLN A 320 -13.90 27.04 -4.72
N LYS A 321 -12.57 27.00 -4.83
CA LYS A 321 -11.89 26.96 -6.12
C LYS A 321 -12.26 25.68 -6.86
N ILE A 322 -12.44 24.59 -6.13
CA ILE A 322 -12.82 23.32 -6.72
C ILE A 322 -14.25 23.39 -7.24
N LEU A 323 -15.13 24.03 -6.47
CA LEU A 323 -16.54 24.18 -6.84
C LEU A 323 -16.66 25.18 -8.00
N GLU A 324 -15.90 26.27 -7.93
CA GLU A 324 -15.92 27.30 -8.99
C GLU A 324 -15.35 26.79 -10.31
N GLU A 325 -14.48 25.78 -10.25
CA GLU A 325 -13.85 25.25 -11.44
C GLU A 325 -14.37 23.92 -11.95
N ASP A 326 -15.15 23.21 -11.13
CA ASP A 326 -15.72 21.95 -11.55
C ASP A 326 -17.25 22.01 -11.36
N GLU A 327 -17.99 21.36 -12.26
CA GLU A 327 -19.44 21.42 -12.22
C GLU A 327 -20.15 20.25 -11.51
N ARG A 328 -19.42 19.17 -11.26
CA ARG A 328 -20.00 17.98 -10.64
C ARG A 328 -20.24 18.06 -9.14
N LYS A 329 -21.08 17.16 -8.64
CA LYS A 329 -21.39 17.09 -7.22
C LYS A 329 -20.26 16.31 -6.56
N ILE A 330 -20.02 16.60 -5.29
CA ILE A 330 -18.95 15.94 -4.56
C ILE A 330 -19.48 14.78 -3.71
N ARG A 331 -18.77 13.66 -3.72
CA ARG A 331 -19.17 12.46 -2.97
C ARG A 331 -18.31 12.30 -1.70
N ARG A 332 -17.01 12.52 -1.84
CA ARG A 332 -16.08 12.42 -0.72
C ARG A 332 -15.26 13.70 -0.66
N ILE A 333 -14.91 14.15 0.54
CA ILE A 333 -14.14 15.40 0.67
C ILE A 333 -13.06 15.25 1.74
N GLY A 334 -11.89 15.83 1.49
CA GLY A 334 -10.85 15.71 2.47
C GLY A 334 -9.74 16.69 2.29
N VAL A 335 -8.68 16.45 3.03
CA VAL A 335 -7.50 17.29 2.99
C VAL A 335 -6.24 16.41 3.07
N ARG A 336 -5.13 16.94 2.61
CA ARG A 336 -3.85 16.26 2.73
C ARG A 336 -2.78 17.31 3.04
N PHE A 337 -1.92 17.03 4.01
CA PHE A 337 -0.86 17.96 4.34
C PHE A 337 0.48 17.38 3.94
N SER A 338 1.41 18.24 3.53
CA SER A 338 2.75 17.80 3.14
C SER A 338 3.76 18.91 3.36
N LYS A 339 4.98 18.68 2.86
CA LYS A 339 6.09 19.63 2.97
C LYS A 339 6.28 20.00 4.42
N PHE A 340 6.59 19.00 5.23
CA PHE A 340 6.79 19.19 6.66
C PHE A 340 8.08 19.95 6.98
N ILE A 341 8.04 20.72 8.06
CA ILE A 341 9.22 21.48 8.45
C ILE A 341 10.23 20.52 9.09
CA CA D . 0.53 -8.76 3.58
CA CA E . 0.18 -6.67 -11.80
CA CA F . 2.80 -6.87 -0.31
PG ATP G . -1.49 -11.08 1.97
O1G ATP G . -1.56 -11.19 0.36
O2G ATP G . -1.76 -12.41 2.79
O3G ATP G . -0.15 -10.47 2.37
PB ATP G . -3.01 -8.91 3.35
O1B ATP G . -4.34 -8.98 4.05
O2B ATP G . -1.76 -8.71 4.23
O3B ATP G . -2.82 -10.09 2.29
PA ATP G . -1.92 -6.90 1.54
O1A ATP G . -0.65 -7.53 1.83
O2A ATP G . -2.38 -6.69 0.12
O3A ATP G . -3.12 -7.65 2.34
O5' ATP G . -1.94 -5.51 2.27
C5' ATP G . -1.60 -5.42 3.63
C4' ATP G . -2.69 -4.83 4.52
O4' ATP G . -3.06 -3.52 4.12
C3' ATP G . -3.99 -5.65 4.67
O3' ATP G . -4.16 -6.33 5.87
C2' ATP G . -5.12 -4.70 4.41
C1' ATP G . -4.49 -3.35 4.04
N9 ATP G . -5.03 -3.08 2.67
C8 ATP G . -4.59 -3.62 1.52
N7 ATP G . -5.34 -3.22 0.49
C5 ATP G . -6.29 -2.40 0.96
C6 ATP G . -7.46 -1.65 0.41
N6 ATP G . -7.75 -1.69 -0.93
N1 ATP G . -8.23 -0.90 1.28
C2 ATP G . -7.99 -0.86 2.60
N3 ATP G . -6.95 -1.52 3.16
C4 ATP G . -6.10 -2.32 2.40
PT1 CPT H . -7.83 5.43 -2.24
N1 CPT H . -7.02 6.85 -3.46
N2 CPT H . -9.56 5.18 -3.35
CA CA I . 8.94 28.47 -11.83
#